data_4YRL
#
_entry.id   4YRL
#
_cell.length_a   64.747
_cell.length_b   118.650
_cell.length_c   66.066
_cell.angle_alpha   90.000
_cell.angle_beta   92.520
_cell.angle_gamma   90.000
#
_symmetry.space_group_name_H-M   'I 1 2 1'
#
loop_
_entity.id
_entity.type
_entity.pdbx_description
1 polymer 'Histidyl-tRNA synthetase'
2 non-polymer HISTIDINE
3 non-polymer 4-(methylsulfanyl)aniline
4 non-polymer 1,2-ETHANEDIOL
5 non-polymer 'SULFATE ION'
6 non-polymer 'DIMETHYL SULFOXIDE'
7 water water
#
_entity_poly.entity_id   1
_entity_poly.type   'polypeptide(L)'
_entity_poly.pdbx_seq_one_letter_code
;MAHHHHHHMGTLEAQTQGPGSMQKNMVETEPVQGCRDFPPEAMRCRRHLFDVFHATAKTFGFEEYDAPVLESEELYIRKA
GEEITEQMFNFITKGGHRVALRPEMTPSLARLLLGKGRSLLLPAKWYSIPQCWRYEAITRGRRREHYQWNMDIVGVKSVS
AEVELVCAACWAMRSLGLSSKDVGIKVNSRKVLQTVVEQAGVTSDKFAPVCVIVDKMEKIPREEVEAQLAVLGLEPTVVD
AITTTLSLKSIDEIAQRVGEEHEAVKELRQFFEQVEAYGYGDWVLFDASVVRGLAYYTGIVFEGFDREGKFRALCGGGRY
DNLLTTYGSPTPIPCAGFGFGDCVIVELLQEKRLLPDIPHVVDDVVIPFDESMRPHALAVLRRLRDAGRSADIILDKKKV
VQAFNYADRVGAVRAVLVAPEEWERGEVQVKMLREGTGKEEGGAERGFAVPLDRLV
;
_entity_poly.pdbx_strand_id   A
#
# COMPACT_ATOMS: atom_id res chain seq x y z
N MET A 26 4.91 -28.54 24.75
CA MET A 26 4.31 -28.03 23.48
C MET A 26 4.82 -26.61 23.17
N VAL A 27 5.04 -26.34 21.88
CA VAL A 27 5.62 -25.08 21.42
C VAL A 27 4.59 -23.94 21.43
N GLU A 28 5.08 -22.71 21.36
CA GLU A 28 4.22 -21.53 21.30
C GLU A 28 3.68 -21.38 19.88
N THR A 29 2.37 -21.61 19.72
CA THR A 29 1.71 -21.55 18.41
C THR A 29 1.41 -20.12 17.96
N GLU A 30 1.41 -19.17 18.89
CA GLU A 30 1.09 -17.78 18.56
C GLU A 30 2.31 -17.07 17.99
N PRO A 31 2.10 -16.14 17.03
CA PRO A 31 3.24 -15.39 16.51
C PRO A 31 3.81 -14.39 17.54
N VAL A 32 4.95 -13.82 17.21
CA VAL A 32 5.61 -12.84 18.08
C VAL A 32 4.69 -11.62 18.25
N GLN A 33 4.80 -11.01 19.43
CA GLN A 33 4.00 -9.86 19.85
C GLN A 33 3.74 -8.85 18.74
N GLY A 34 2.47 -8.68 18.40
CA GLY A 34 2.04 -7.65 17.45
C GLY A 34 2.27 -7.93 15.98
N CYS A 35 2.60 -9.18 15.63
CA CYS A 35 2.76 -9.55 14.21
C CYS A 35 1.77 -10.62 13.79
N ARG A 36 1.42 -10.61 12.51
CA ARG A 36 0.38 -11.48 11.95
C ARG A 36 0.91 -12.72 11.19
N ASP A 37 0.25 -13.84 11.45
CA ASP A 37 0.34 -15.03 10.63
C ASP A 37 -0.59 -14.89 9.44
N PHE A 38 -0.22 -15.51 8.33
CA PHE A 38 -1.06 -15.52 7.13
C PHE A 38 -1.21 -16.94 6.61
N PRO A 39 -2.05 -17.76 7.28
CA PRO A 39 -2.37 -19.04 6.70
C PRO A 39 -3.14 -18.81 5.39
N PRO A 40 -3.37 -19.87 4.60
CA PRO A 40 -3.92 -19.72 3.26
C PRO A 40 -5.17 -18.86 3.15
N GLU A 41 -6.18 -19.08 4.01
CA GLU A 41 -7.37 -18.22 4.03
C GLU A 41 -6.99 -16.75 4.11
N ALA A 42 -6.25 -16.36 5.14
CA ALA A 42 -5.82 -14.96 5.29
C ALA A 42 -4.95 -14.47 4.14
N MET A 43 -4.06 -15.34 3.67
CA MET A 43 -3.17 -14.97 2.58
C MET A 43 -3.94 -14.67 1.29
N ARG A 44 -5.09 -15.33 1.07
CA ARG A 44 -5.90 -15.02 -0.10
C ARG A 44 -6.42 -13.58 -0.04
N CYS A 45 -6.83 -13.14 1.15
CA CYS A 45 -7.28 -11.76 1.33
CA CYS A 45 -7.29 -11.76 1.30
C CYS A 45 -6.15 -10.77 1.03
N ARG A 46 -4.99 -11.01 1.63
CA ARG A 46 -3.82 -10.15 1.39
C ARG A 46 -3.40 -10.11 -0.08
N ARG A 47 -3.45 -11.25 -0.75
CA ARG A 47 -3.09 -11.34 -2.17
C ARG A 47 -4.13 -10.58 -3.07
N HIS A 48 -5.40 -10.65 -2.71
CA HIS A 48 -6.42 -9.85 -3.38
C HIS A 48 -6.11 -8.34 -3.31
N LEU A 49 -5.57 -7.90 -2.19
CA LEU A 49 -5.21 -6.51 -1.99
C LEU A 49 -3.93 -6.18 -2.76
N PHE A 50 -2.94 -7.02 -2.65
CA PHE A 50 -1.68 -6.79 -3.34
C PHE A 50 -1.86 -6.83 -4.86
N ASP A 51 -2.71 -7.73 -5.35
CA ASP A 51 -2.98 -7.80 -6.79
C ASP A 51 -3.37 -6.43 -7.28
N VAL A 52 -4.24 -5.77 -6.53
CA VAL A 52 -4.68 -4.43 -6.88
C VAL A 52 -3.54 -3.41 -6.86
N PHE A 53 -2.73 -3.41 -5.80
CA PHE A 53 -1.60 -2.53 -5.72
C PHE A 53 -0.66 -2.71 -6.91
N HIS A 54 -0.29 -3.96 -7.19
CA HIS A 54 0.48 -4.28 -8.39
C HIS A 54 -0.22 -3.87 -9.68
N ALA A 55 -1.48 -4.23 -9.82
CA ALA A 55 -2.21 -3.96 -11.07
C ALA A 55 -2.33 -2.45 -11.31
N THR A 56 -2.47 -1.68 -10.23
CA THR A 56 -2.62 -0.23 -10.34
C THR A 56 -1.31 0.44 -10.73
N ALA A 57 -0.21 0.01 -10.14
CA ALA A 57 1.12 0.49 -10.52
C ALA A 57 1.46 0.21 -11.99
N LYS A 58 1.07 -0.96 -12.47
CA LYS A 58 1.29 -1.28 -13.87
C LYS A 58 0.45 -0.36 -14.76
N THR A 59 -0.82 -0.20 -14.41
CA THR A 59 -1.69 0.72 -15.10
C THR A 59 -1.12 2.15 -15.16
N PHE A 60 -0.46 2.57 -14.09
CA PHE A 60 0.06 3.93 -14.01
C PHE A 60 1.52 4.05 -14.43
N GLY A 61 2.14 2.94 -14.85
CA GLY A 61 3.51 2.95 -15.35
C GLY A 61 4.62 2.99 -14.31
N PHE A 62 4.33 2.57 -13.09
CA PHE A 62 5.35 2.59 -12.04
C PHE A 62 6.16 1.29 -12.08
N GLU A 63 7.45 1.36 -11.74
CA GLU A 63 8.35 0.20 -11.74
C GLU A 63 8.60 -0.24 -10.33
N GLU A 64 8.57 -1.54 -10.10
CA GLU A 64 8.82 -2.09 -8.79
C GLU A 64 10.28 -2.05 -8.34
N TYR A 65 10.47 -1.86 -7.04
CA TYR A 65 11.81 -1.93 -6.44
C TYR A 65 11.70 -2.53 -5.07
N ASP A 66 12.85 -2.80 -4.45
CA ASP A 66 12.87 -3.30 -3.07
C ASP A 66 14.18 -2.92 -2.45
N ALA A 67 14.24 -3.00 -1.13
CA ALA A 67 15.46 -2.74 -0.39
C ALA A 67 15.37 -3.46 0.94
N PRO A 68 16.49 -3.57 1.66
CA PRO A 68 16.43 -4.40 2.84
C PRO A 68 15.47 -3.82 3.88
N VAL A 69 14.79 -4.72 4.59
CA VAL A 69 13.96 -4.34 5.71
C VAL A 69 14.85 -3.83 6.86
N LEU A 70 16.11 -4.23 6.83
CA LEU A 70 17.11 -3.83 7.81
C LEU A 70 17.95 -2.69 7.23
N GLU A 71 17.82 -1.49 7.79
CA GLU A 71 18.56 -0.33 7.34
C GLU A 71 19.30 0.26 8.54
N SER A 72 20.34 1.05 8.25
CA SER A 72 21.08 1.75 9.30
C SER A 72 20.13 2.73 10.02
N GLU A 73 20.28 2.78 11.34
CA GLU A 73 19.41 3.58 12.22
C GLU A 73 19.53 5.07 11.91
N GLU A 74 20.75 5.48 11.61
CA GLU A 74 21.07 6.86 11.17
C GLU A 74 20.05 7.38 10.14
N LEU A 75 19.69 6.54 9.19
CA LEU A 75 18.77 6.89 8.12
C LEU A 75 17.51 7.63 8.57
N TYR A 76 17.09 7.42 9.83
CA TYR A 76 15.83 7.97 10.34
C TYR A 76 15.97 8.99 11.49
N ILE A 77 17.17 9.51 11.71
CA ILE A 77 17.42 10.48 12.80
C ILE A 77 17.15 11.90 12.26
N ARG A 78 15.87 12.28 12.18
CA ARG A 78 15.47 13.59 11.63
C ARG A 78 15.26 14.69 12.67
N LYS A 79 15.10 14.31 13.94
CA LYS A 79 15.09 15.26 15.06
C LYS A 79 13.96 16.29 14.99
N ALA A 80 12.75 15.81 14.74
CA ALA A 80 11.57 16.68 14.67
C ALA A 80 10.37 16.11 15.44
N GLY A 81 10.65 15.23 16.42
CA GLY A 81 9.61 14.61 17.24
C GLY A 81 8.54 13.81 16.51
N GLU A 82 8.91 13.15 15.40
CA GLU A 82 7.95 12.34 14.63
C GLU A 82 7.59 11.03 15.34
N GLU A 83 6.32 10.63 15.25
CA GLU A 83 5.86 9.34 15.78
C GLU A 83 6.63 8.17 15.17
N ILE A 84 6.97 8.31 13.90
CA ILE A 84 7.61 7.25 13.14
C ILE A 84 9.03 6.98 13.61
N THR A 85 9.71 8.03 14.06
CA THR A 85 11.08 7.96 14.58
C THR A 85 11.11 7.88 16.11
N GLU A 86 9.98 8.15 16.76
CA GLU A 86 9.83 7.87 18.20
C GLU A 86 9.63 6.38 18.44
N GLN A 87 8.89 5.74 17.53
CA GLN A 87 8.51 4.34 17.68
C GLN A 87 9.27 3.42 16.71
N MET A 88 10.56 3.72 16.51
CA MET A 88 11.44 2.88 15.72
C MET A 88 11.71 1.55 16.41
N PHE A 89 11.60 0.47 15.64
CA PHE A 89 11.96 -0.87 16.08
C PHE A 89 13.44 -1.02 15.76
N ASN A 90 14.29 -0.62 16.70
CA ASN A 90 15.74 -0.62 16.46
C ASN A 90 16.49 -1.54 17.40
N PHE A 91 17.72 -1.85 17.03
CA PHE A 91 18.61 -2.64 17.87
C PHE A 91 20.07 -2.49 17.47
N ILE A 92 20.95 -3.06 18.27
CA ILE A 92 22.37 -3.04 18.01
C ILE A 92 22.81 -4.44 17.57
N THR A 93 23.34 -4.53 16.34
CA THR A 93 23.92 -5.79 15.83
C THR A 93 25.00 -6.29 16.78
N LYS A 94 25.35 -7.57 16.66
CA LYS A 94 26.42 -8.17 17.48
C LYS A 94 27.77 -7.48 17.27
N GLY A 95 27.97 -6.89 16.08
CA GLY A 95 29.21 -6.17 15.76
C GLY A 95 29.24 -4.68 16.11
N GLY A 96 28.19 -4.19 16.78
CA GLY A 96 28.16 -2.82 17.27
C GLY A 96 27.34 -1.82 16.48
N HIS A 97 27.06 -2.13 15.21
CA HIS A 97 26.37 -1.17 14.34
C HIS A 97 24.92 -0.93 14.78
N ARG A 98 24.48 0.33 14.73
CA ARG A 98 23.12 0.71 15.05
C ARG A 98 22.24 0.53 13.77
N VAL A 99 21.31 -0.42 13.81
CA VAL A 99 20.36 -0.66 12.70
C VAL A 99 18.91 -0.72 13.20
N ALA A 100 17.97 -0.84 12.27
CA ALA A 100 16.56 -0.90 12.58
C ALA A 100 15.72 -1.51 11.45
N LEU A 101 14.60 -2.12 11.83
CA LEU A 101 13.60 -2.56 10.88
C LEU A 101 12.84 -1.31 10.42
N ARG A 102 12.89 -1.04 9.12
CA ARG A 102 12.30 0.18 8.56
C ARG A 102 10.91 0.50 9.13
N PRO A 103 10.70 1.73 9.61
CA PRO A 103 9.35 2.22 9.93
C PRO A 103 8.61 2.76 8.70
N GLU A 104 9.36 3.13 7.68
CA GLU A 104 8.80 3.60 6.41
C GLU A 104 9.80 3.31 5.30
N MET A 105 9.34 3.39 4.06
CA MET A 105 10.17 3.08 2.90
C MET A 105 10.90 4.30 2.36
N THR A 106 10.30 5.47 2.45
CA THR A 106 10.81 6.66 1.76
C THR A 106 12.32 6.91 1.93
N PRO A 107 12.84 6.79 3.17
CA PRO A 107 14.29 6.96 3.30
C PRO A 107 15.12 5.93 2.51
N SER A 108 14.64 4.68 2.46
CA SER A 108 15.26 3.65 1.64
C SER A 108 15.29 4.08 0.16
N LEU A 109 14.13 4.50 -0.34
CA LEU A 109 13.99 5.02 -1.70
C LEU A 109 15.03 6.12 -1.99
N ALA A 110 15.11 7.10 -1.11
CA ALA A 110 16.06 8.20 -1.27
C ALA A 110 17.50 7.71 -1.39
N ARG A 111 17.87 6.74 -0.56
CA ARG A 111 19.22 6.18 -0.55
C ARG A 111 19.54 5.56 -1.89
N LEU A 112 18.60 4.74 -2.38
CA LEU A 112 18.73 4.14 -3.70
C LEU A 112 18.89 5.20 -4.78
N LEU A 113 18.04 6.23 -4.72
CA LEU A 113 18.09 7.32 -5.70
C LEU A 113 19.43 8.05 -5.67
N LEU A 114 19.91 8.35 -4.48
CA LEU A 114 21.21 9.00 -4.32
C LEU A 114 22.34 8.17 -4.94
N GLY A 115 22.34 6.88 -4.63
CA GLY A 115 23.36 5.96 -5.15
C GLY A 115 23.39 5.90 -6.66
N LYS A 116 22.22 5.97 -7.29
CA LYS A 116 22.14 6.02 -8.76
C LYS A 116 22.75 7.32 -9.29
N GLY A 117 22.37 8.45 -8.67
CA GLY A 117 22.91 9.76 -9.04
C GLY A 117 22.55 10.19 -10.46
N ARG A 118 23.57 10.42 -11.29
CA ARG A 118 23.37 10.88 -12.67
C ARG A 118 22.92 9.77 -13.63
N SER A 119 23.24 8.52 -13.30
CA SER A 119 22.80 7.37 -14.11
C SER A 119 21.28 7.16 -14.05
N LEU A 120 20.63 7.67 -12.99
CA LEU A 120 19.17 7.57 -12.85
C LEU A 120 18.49 8.47 -13.85
N LEU A 121 17.77 7.86 -14.79
CA LEU A 121 17.04 8.63 -15.77
C LEU A 121 15.71 9.09 -15.15
N LEU A 122 15.36 10.34 -15.46
CA LEU A 122 14.23 11.02 -14.85
C LEU A 122 13.31 11.56 -15.93
N PRO A 123 12.00 11.62 -15.68
CA PRO A 123 11.42 11.25 -14.39
C PRO A 123 11.31 9.75 -14.16
N ALA A 124 11.42 9.34 -12.89
CA ALA A 124 11.28 7.94 -12.49
C ALA A 124 10.05 7.75 -11.62
N LYS A 125 9.33 6.65 -11.85
CA LYS A 125 8.12 6.32 -11.11
C LYS A 125 8.29 4.94 -10.48
N TRP A 126 8.58 4.91 -9.18
CA TRP A 126 8.95 3.66 -8.50
C TRP A 126 7.90 3.26 -7.45
N TYR A 127 7.63 1.97 -7.32
CA TYR A 127 6.69 1.45 -6.32
C TYR A 127 7.19 0.21 -5.59
N SER A 128 6.56 -0.07 -4.46
CA SER A 128 6.90 -1.26 -3.68
CA SER A 128 6.92 -1.24 -3.65
C SER A 128 5.83 -1.49 -2.63
N ILE A 129 5.82 -2.69 -2.06
CA ILE A 129 4.88 -3.08 -1.03
C ILE A 129 5.67 -3.66 0.17
N PRO A 130 6.57 -2.86 0.78
CA PRO A 130 7.36 -3.31 1.91
C PRO A 130 6.57 -3.55 3.18
N GLN A 131 6.94 -4.56 3.93
CA GLN A 131 6.56 -4.63 5.33
C GLN A 131 7.37 -3.57 6.10
N CYS A 132 6.69 -2.78 6.92
CA CYS A 132 7.38 -1.78 7.77
C CYS A 132 7.02 -2.02 9.24
N TRP A 133 7.87 -1.53 10.14
CA TRP A 133 7.87 -1.96 11.54
C TRP A 133 7.82 -0.85 12.57
N ARG A 134 7.37 -1.21 13.77
CA ARG A 134 7.45 -0.32 14.92
C ARG A 134 7.48 -1.08 16.25
N TYR A 135 8.02 -0.43 17.28
CA TYR A 135 7.98 -0.95 18.65
C TYR A 135 7.01 -0.11 19.45
N GLU A 136 6.13 -0.76 20.21
CA GLU A 136 5.29 -0.07 21.19
C GLU A 136 5.11 -0.94 22.44
N ARG A 142 -1.36 -3.37 20.42
CA ARG A 142 -1.19 -2.64 19.16
C ARG A 142 -0.27 -3.41 18.21
N ARG A 143 -0.53 -3.32 16.90
CA ARG A 143 0.27 -4.02 15.91
C ARG A 143 1.65 -3.39 15.74
N ARG A 144 2.64 -4.23 15.50
CA ARG A 144 4.01 -3.79 15.31
C ARG A 144 4.53 -3.90 13.87
N GLU A 145 3.73 -4.50 12.97
CA GLU A 145 4.06 -4.47 11.54
C GLU A 145 2.85 -4.26 10.66
N HIS A 146 3.10 -3.70 9.49
CA HIS A 146 2.10 -3.61 8.45
C HIS A 146 2.79 -3.57 7.09
N TYR A 147 2.06 -3.98 6.05
CA TYR A 147 2.51 -3.78 4.69
C TYR A 147 2.01 -2.43 4.21
N GLN A 148 2.86 -1.71 3.47
CA GLN A 148 2.54 -0.38 3.02
C GLN A 148 2.92 -0.20 1.58
N TRP A 149 1.91 -0.17 0.72
CA TRP A 149 2.13 0.14 -0.69
C TRP A 149 2.73 1.53 -0.79
N ASN A 150 3.83 1.65 -1.51
CA ASN A 150 4.50 2.92 -1.72
C ASN A 150 4.53 3.25 -3.19
N MET A 151 4.11 4.47 -3.54
CA MET A 151 4.24 4.98 -4.90
C MET A 151 4.91 6.34 -4.83
N ASP A 152 5.89 6.56 -5.70
CA ASP A 152 6.66 7.78 -5.66
C ASP A 152 7.07 8.18 -7.04
N ILE A 153 7.03 9.49 -7.30
CA ILE A 153 7.49 10.05 -8.54
C ILE A 153 8.67 10.98 -8.31
N VAL A 154 9.75 10.75 -9.05
CA VAL A 154 11.01 11.48 -8.88
C VAL A 154 11.33 12.30 -10.12
N GLY A 155 11.72 13.56 -9.92
CA GLY A 155 12.18 14.41 -11.00
C GLY A 155 11.12 15.22 -11.73
N VAL A 156 9.95 15.36 -11.09
CA VAL A 156 8.82 16.14 -11.64
C VAL A 156 8.50 17.33 -10.73
N LYS A 157 8.89 18.51 -11.18
CA LYS A 157 8.62 19.79 -10.50
C LYS A 157 7.14 20.02 -10.24
N SER A 158 6.33 19.84 -11.28
CA SER A 158 4.95 20.28 -11.25
C SER A 158 3.99 19.37 -10.49
N VAL A 159 2.82 19.93 -10.20
CA VAL A 159 1.73 19.25 -9.47
C VAL A 159 1.13 18.05 -10.22
N SER A 160 1.44 17.92 -11.51
CA SER A 160 1.05 16.70 -12.24
C SER A 160 1.50 15.40 -11.55
N ALA A 161 2.61 15.47 -10.80
CA ALA A 161 3.05 14.32 -10.00
C ALA A 161 2.03 13.99 -8.93
N GLU A 162 1.68 14.97 -8.11
CA GLU A 162 0.70 14.79 -7.05
C GLU A 162 -0.64 14.36 -7.61
N VAL A 163 -1.01 14.92 -8.76
CA VAL A 163 -2.24 14.51 -9.44
C VAL A 163 -2.24 13.01 -9.77
N GLU A 164 -1.22 12.57 -10.51
CA GLU A 164 -1.05 11.15 -10.85
C GLU A 164 -1.13 10.25 -9.61
N LEU A 165 -0.39 10.62 -8.58
CA LEU A 165 -0.31 9.86 -7.35
C LEU A 165 -1.66 9.72 -6.70
N VAL A 166 -2.36 10.86 -6.59
CA VAL A 166 -3.68 10.90 -5.99
C VAL A 166 -4.65 10.07 -6.83
N CYS A 167 -4.57 10.18 -8.15
CA CYS A 167 -5.41 9.33 -9.01
C CYS A 167 -5.07 7.84 -8.86
N ALA A 168 -3.80 7.50 -8.68
CA ALA A 168 -3.42 6.09 -8.45
C ALA A 168 -4.09 5.52 -7.22
N ALA A 169 -4.17 6.32 -6.16
CA ALA A 169 -4.78 5.87 -4.91
C ALA A 169 -6.28 5.70 -5.04
N CYS A 170 -6.93 6.63 -5.74
CA CYS A 170 -8.36 6.50 -6.01
C CYS A 170 -8.62 5.27 -6.86
N TRP A 171 -7.80 5.08 -7.89
CA TRP A 171 -7.88 3.94 -8.81
C TRP A 171 -7.87 2.59 -8.07
N ALA A 172 -6.98 2.47 -7.10
CA ALA A 172 -6.84 1.22 -6.33
C ALA A 172 -8.09 0.98 -5.50
N MET A 173 -8.52 2.01 -4.78
CA MET A 173 -9.71 1.92 -3.96
C MET A 173 -10.90 1.55 -4.83
N ARG A 174 -11.05 2.20 -5.98
CA ARG A 174 -12.12 1.85 -6.91
C ARG A 174 -12.00 0.42 -7.42
N SER A 175 -10.76 -0.02 -7.70
CA SER A 175 -10.52 -1.40 -8.12
C SER A 175 -10.94 -2.42 -7.05
N LEU A 176 -10.93 -2.00 -5.78
CA LEU A 176 -11.36 -2.85 -4.66
C LEU A 176 -12.86 -2.82 -4.40
N GLY A 177 -13.60 -2.03 -5.17
CA GLY A 177 -15.07 -1.95 -5.05
C GLY A 177 -15.61 -0.65 -4.46
N LEU A 178 -14.73 0.23 -3.99
CA LEU A 178 -15.14 1.46 -3.30
C LEU A 178 -15.48 2.54 -4.30
N SER A 179 -16.44 3.39 -3.96
CA SER A 179 -16.80 4.53 -4.81
C SER A 179 -16.50 5.83 -4.10
N SER A 180 -16.70 6.93 -4.81
CA SER A 180 -16.51 8.27 -4.26
C SER A 180 -17.54 8.57 -3.16
N LYS A 181 -18.60 7.78 -3.11
CA LYS A 181 -19.53 7.84 -1.98
C LYS A 181 -18.91 7.28 -0.72
N ASP A 182 -18.03 6.29 -0.87
CA ASP A 182 -17.44 5.61 0.29
C ASP A 182 -16.23 6.32 0.85
N VAL A 183 -15.41 6.91 -0.02
CA VAL A 183 -14.14 7.47 0.39
C VAL A 183 -13.83 8.72 -0.40
N GLY A 184 -12.82 9.45 0.06
CA GLY A 184 -12.31 10.61 -0.64
C GLY A 184 -10.85 10.84 -0.31
N ILE A 185 -10.29 11.90 -0.90
CA ILE A 185 -8.94 12.33 -0.58
C ILE A 185 -8.92 13.82 -0.30
N LYS A 186 -8.58 14.15 0.94
CA LYS A 186 -8.42 15.51 1.41
C LYS A 186 -7.06 16.01 0.97
N VAL A 187 -7.00 17.22 0.44
CA VAL A 187 -5.76 17.76 -0.13
C VAL A 187 -5.44 19.17 0.37
N ASN A 188 -4.17 19.42 0.65
CA ASN A 188 -3.74 20.71 1.16
C ASN A 188 -2.34 21.03 0.64
N SER A 189 -1.83 22.23 0.91
CA SER A 189 -0.43 22.55 0.69
C SER A 189 0.20 23.16 1.93
N ARG A 190 1.40 22.71 2.26
CA ARG A 190 2.15 23.18 3.41
C ARG A 190 2.76 24.55 3.17
N LYS A 191 2.83 24.98 1.91
CA LYS A 191 3.36 26.31 1.60
C LYS A 191 2.53 27.43 2.22
N VAL A 192 1.20 27.23 2.25
CA VAL A 192 0.31 28.17 2.92
C VAL A 192 0.82 28.47 4.33
N LEU A 193 0.96 27.42 5.13
CA LEU A 193 1.41 27.55 6.50
C LEU A 193 2.86 28.04 6.57
N GLN A 194 3.69 27.61 5.62
CA GLN A 194 5.08 28.09 5.48
C GLN A 194 5.15 29.61 5.45
N THR A 195 4.30 30.21 4.63
CA THR A 195 4.19 31.66 4.54
C THR A 195 3.80 32.27 5.89
N VAL A 196 2.74 31.74 6.50
CA VAL A 196 2.25 32.27 7.77
C VAL A 196 3.33 32.20 8.84
N VAL A 197 4.08 31.10 8.85
CA VAL A 197 5.21 30.92 9.77
C VAL A 197 6.34 31.90 9.44
N GLU A 198 6.63 32.06 8.14
CA GLU A 198 7.68 32.95 7.66
C GLU A 198 7.35 34.42 7.95
N GLN A 199 6.16 34.86 7.53
CA GLN A 199 5.67 36.21 7.82
C GLN A 199 5.70 36.52 9.31
N ALA A 200 5.45 35.52 10.15
CA ALA A 200 5.49 35.68 11.60
C ALA A 200 6.92 35.65 12.17
N GLY A 201 7.92 35.83 11.31
CA GLY A 201 9.31 35.97 11.75
C GLY A 201 10.02 34.69 12.17
N VAL A 202 9.34 33.56 12.08
CA VAL A 202 9.86 32.30 12.61
C VAL A 202 10.86 31.67 11.63
N THR A 203 12.12 31.64 12.06
CA THR A 203 13.19 30.93 11.35
C THR A 203 12.67 29.60 10.76
N SER A 204 12.97 29.39 9.48
CA SER A 204 12.39 28.29 8.71
C SER A 204 12.72 26.88 9.24
N ASP A 205 13.77 26.77 10.05
CA ASP A 205 14.14 25.51 10.70
C ASP A 205 13.06 24.98 11.66
N LYS A 206 12.22 25.87 12.19
CA LYS A 206 11.12 25.49 13.07
C LYS A 206 9.89 24.93 12.33
N PHE A 207 9.87 25.03 11.01
CA PHE A 207 8.69 24.67 10.21
C PHE A 207 8.30 23.19 10.33
N ALA A 208 9.28 22.29 10.29
CA ALA A 208 8.99 20.85 10.39
C ALA A 208 8.40 20.45 11.76
N PRO A 209 9.08 20.81 12.87
CA PRO A 209 8.51 20.59 14.21
C PRO A 209 7.08 21.10 14.37
N VAL A 210 6.78 22.23 13.73
CA VAL A 210 5.46 22.83 13.76
C VAL A 210 4.41 21.95 13.05
N CYS A 211 4.72 21.50 11.84
CA CYS A 211 3.79 20.63 11.09
C CYS A 211 3.48 19.37 11.87
N VAL A 212 4.48 18.83 12.57
CA VAL A 212 4.33 17.61 13.37
C VAL A 212 3.38 17.82 14.54
N ILE A 213 3.46 18.97 15.20
CA ILE A 213 2.56 19.28 16.31
C ILE A 213 1.15 19.54 15.79
N VAL A 214 1.06 20.39 14.78
CA VAL A 214 -0.20 20.75 14.13
C VAL A 214 -0.94 19.51 13.61
N ASP A 215 -0.19 18.52 13.13
CA ASP A 215 -0.74 17.23 12.72
C ASP A 215 -1.43 16.50 13.87
N LYS A 216 -0.92 16.65 15.09
CA LYS A 216 -1.54 16.06 16.29
C LYS A 216 -2.95 16.63 16.58
N MET A 217 -3.22 17.85 16.11
CA MET A 217 -4.50 18.56 16.35
C MET A 217 -5.74 17.69 16.26
N GLU A 218 -5.74 16.74 15.32
CA GLU A 218 -6.85 15.79 15.20
C GLU A 218 -7.09 15.01 16.50
N LYS A 219 -6.03 14.38 17.00
CA LYS A 219 -6.14 13.46 18.15
C LYS A 219 -6.12 14.18 19.51
N ILE A 220 -5.11 15.02 19.73
CA ILE A 220 -4.95 15.72 21.01
C ILE A 220 -5.77 17.01 21.07
N PRO A 221 -6.10 17.47 22.29
CA PRO A 221 -6.88 18.71 22.44
C PRO A 221 -6.08 19.97 22.12
N ARG A 222 -6.78 21.07 21.86
CA ARG A 222 -6.17 22.33 21.46
C ARG A 222 -5.33 22.96 22.58
N GLU A 223 -5.66 22.65 23.84
CA GLU A 223 -4.84 23.06 24.97
C GLU A 223 -3.50 22.31 24.97
N GLU A 224 -3.56 21.02 24.63
CA GLU A 224 -2.35 20.19 24.57
C GLU A 224 -1.50 20.49 23.32
N VAL A 225 -2.16 20.73 22.19
CA VAL A 225 -1.45 21.08 20.95
C VAL A 225 -0.88 22.50 20.98
N GLU A 226 -1.60 23.43 21.62
CA GLU A 226 -1.10 24.80 21.83
C GLU A 226 0.13 24.81 22.74
N ALA A 227 0.17 23.90 23.70
CA ALA A 227 1.27 23.81 24.66
C ALA A 227 2.59 23.39 23.99
N GLN A 228 2.51 22.55 22.97
CA GLN A 228 3.70 22.07 22.25
C GLN A 228 4.32 23.17 21.37
N LEU A 229 3.46 23.99 20.75
CA LEU A 229 3.92 25.12 19.93
C LEU A 229 4.56 26.20 20.79
N ALA A 230 4.02 26.40 22.00
CA ALA A 230 4.63 27.27 22.99
C ALA A 230 5.90 26.62 23.56
N VAL A 231 5.86 25.31 23.75
CA VAL A 231 7.03 24.53 24.20
C VAL A 231 8.18 24.54 23.18
N LEU A 232 7.87 24.84 21.92
CA LEU A 232 8.90 25.00 20.88
C LEU A 232 9.34 26.48 20.73
N GLY A 233 8.98 27.33 21.68
CA GLY A 233 9.40 28.74 21.66
C GLY A 233 8.50 29.63 20.83
N LEU A 234 7.22 29.70 21.19
CA LEU A 234 6.24 30.48 20.43
C LEU A 234 4.96 30.70 21.26
N VAL A 239 0.88 30.96 16.64
CA VAL A 239 -0.10 30.04 17.23
C VAL A 239 -1.50 30.40 16.77
N ASP A 240 -1.87 31.66 17.00
CA ASP A 240 -3.19 32.17 16.63
C ASP A 240 -3.44 32.04 15.13
N ALA A 241 -2.51 32.58 14.34
CA ALA A 241 -2.64 32.57 12.89
C ALA A 241 -2.68 31.15 12.33
N ILE A 242 -1.98 30.23 13.00
CA ILE A 242 -1.97 28.81 12.63
C ILE A 242 -3.37 28.19 12.73
N THR A 243 -4.03 28.41 13.85
CA THR A 243 -5.37 27.85 14.08
C THR A 243 -6.35 28.34 13.00
N THR A 244 -6.42 29.67 12.86
CA THR A 244 -7.32 30.32 11.91
C THR A 244 -7.11 29.84 10.48
N THR A 245 -5.85 29.66 10.07
CA THR A 245 -5.53 29.21 8.72
C THR A 245 -5.80 27.72 8.51
N LEU A 246 -5.60 26.91 9.54
CA LEU A 246 -5.96 25.48 9.49
C LEU A 246 -7.46 25.28 9.30
N SER A 247 -8.26 26.18 9.86
CA SER A 247 -9.71 26.04 9.81
C SER A 247 -10.35 26.80 8.62
N LEU A 248 -9.53 27.32 7.70
CA LEU A 248 -10.07 27.90 6.47
C LEU A 248 -10.68 26.79 5.62
N LYS A 249 -11.89 27.01 5.13
CA LYS A 249 -12.68 25.93 4.52
C LYS A 249 -12.62 25.88 3.00
N SER A 250 -11.92 26.82 2.36
CA SER A 250 -11.88 26.84 0.91
C SER A 250 -10.62 27.50 0.35
N ILE A 251 -10.40 27.29 -0.93
CA ILE A 251 -9.23 27.83 -1.62
C ILE A 251 -9.41 29.34 -1.86
N ASP A 252 -10.63 29.75 -2.20
CA ASP A 252 -10.94 31.19 -2.26
C ASP A 252 -10.54 31.92 -0.97
N GLU A 253 -10.88 31.34 0.17
CA GLU A 253 -10.57 31.95 1.47
C GLU A 253 -9.07 32.09 1.73
N ILE A 254 -8.28 31.22 1.12
CA ILE A 254 -6.84 31.27 1.25
C ILE A 254 -6.23 32.20 0.21
N ALA A 255 -6.92 32.37 -0.91
CA ALA A 255 -6.62 33.48 -1.82
C ALA A 255 -6.81 34.84 -1.14
N GLN A 256 -7.85 34.96 -0.32
CA GLN A 256 -8.06 36.18 0.48
C GLN A 256 -6.88 36.44 1.39
N ARG A 257 -6.51 35.41 2.14
CA ARG A 257 -5.49 35.51 3.19
C ARG A 257 -4.07 35.60 2.61
N VAL A 258 -3.79 34.83 1.55
CA VAL A 258 -2.43 34.70 1.00
C VAL A 258 -2.20 35.41 -0.35
N GLY A 259 -3.26 35.55 -1.15
CA GLY A 259 -3.16 36.09 -2.52
C GLY A 259 -3.50 35.02 -3.54
N GLU A 260 -4.12 35.44 -4.66
CA GLU A 260 -4.56 34.51 -5.71
C GLU A 260 -3.41 33.94 -6.54
N GLU A 261 -2.19 34.46 -6.37
CA GLU A 261 -1.01 33.84 -6.97
C GLU A 261 0.13 33.64 -5.96
N HIS A 262 -0.22 33.24 -4.74
CA HIS A 262 0.71 32.46 -3.93
C HIS A 262 0.87 31.20 -4.76
N GLU A 263 2.09 30.70 -4.91
CA GLU A 263 2.31 29.49 -5.71
C GLU A 263 1.34 28.37 -5.29
N ALA A 264 1.05 28.30 -3.99
CA ALA A 264 0.12 27.31 -3.46
C ALA A 264 -1.31 27.41 -4.01
N VAL A 265 -1.82 28.61 -4.26
CA VAL A 265 -3.14 28.74 -4.86
C VAL A 265 -3.11 28.25 -6.32
N LYS A 266 -2.12 28.71 -7.09
CA LYS A 266 -1.94 28.24 -8.48
C LYS A 266 -1.77 26.72 -8.55
N GLU A 267 -1.02 26.15 -7.61
CA GLU A 267 -0.79 24.71 -7.58
C GLU A 267 -2.05 23.91 -7.32
N LEU A 268 -2.77 24.27 -6.26
CA LEU A 268 -4.01 23.58 -5.89
C LEU A 268 -5.07 23.66 -6.98
N ARG A 269 -5.19 24.81 -7.65
CA ARG A 269 -6.13 24.95 -8.75
C ARG A 269 -5.75 24.06 -9.93
N GLN A 270 -4.47 24.07 -10.29
CA GLN A 270 -3.95 23.14 -11.30
C GLN A 270 -4.20 21.69 -10.89
N PHE A 271 -3.87 21.35 -9.65
CA PHE A 271 -4.14 20.02 -9.14
C PHE A 271 -5.60 19.63 -9.35
N PHE A 272 -6.52 20.39 -8.77
CA PHE A 272 -7.95 20.07 -8.89
C PHE A 272 -8.44 20.09 -10.33
N GLU A 273 -7.97 21.01 -11.15
CA GLU A 273 -8.32 21.01 -12.57
C GLU A 273 -7.86 19.71 -13.26
N GLN A 274 -6.65 19.26 -12.97
CA GLN A 274 -6.12 18.04 -13.59
C GLN A 274 -6.87 16.78 -13.14
N VAL A 275 -7.14 16.69 -11.85
CA VAL A 275 -7.89 15.55 -11.31
C VAL A 275 -9.32 15.59 -11.82
N GLU A 276 -9.89 16.79 -11.94
CA GLU A 276 -11.18 16.97 -12.59
C GLU A 276 -11.13 16.31 -13.96
N ALA A 277 -10.18 16.74 -14.77
CA ALA A 277 -10.04 16.28 -16.16
C ALA A 277 -9.82 14.76 -16.30
N TYR A 278 -9.11 14.15 -15.35
CA TYR A 278 -8.86 12.70 -15.37
C TYR A 278 -10.12 11.90 -15.07
N GLY A 279 -11.09 12.54 -14.43
CA GLY A 279 -12.40 11.93 -14.18
C GLY A 279 -12.64 11.53 -12.73
N TYR A 280 -11.81 12.02 -11.80
CA TYR A 280 -11.91 11.68 -10.39
C TYR A 280 -12.21 12.91 -9.52
N GLY A 281 -13.01 13.83 -10.05
CA GLY A 281 -13.33 15.07 -9.37
C GLY A 281 -14.14 14.88 -8.11
N ASP A 282 -15.04 13.89 -8.14
CA ASP A 282 -15.86 13.56 -6.97
C ASP A 282 -15.04 12.89 -5.85
N TRP A 283 -13.82 12.44 -6.15
CA TRP A 283 -12.99 11.79 -5.13
C TRP A 283 -12.13 12.71 -4.28
N VAL A 284 -11.88 13.94 -4.74
CA VAL A 284 -10.89 14.80 -4.09
C VAL A 284 -11.51 16.12 -3.65
N LEU A 285 -10.96 16.69 -2.59
CA LEU A 285 -11.45 17.92 -2.02
C LEU A 285 -10.35 18.60 -1.21
N PHE A 286 -10.57 19.88 -0.91
CA PHE A 286 -9.62 20.66 -0.16
C PHE A 286 -9.90 20.63 1.35
N ASP A 287 -8.85 20.49 2.15
CA ASP A 287 -8.97 20.57 3.60
C ASP A 287 -7.69 21.22 4.16
N ALA A 288 -7.84 22.43 4.71
CA ALA A 288 -6.72 23.24 5.19
C ALA A 288 -6.11 22.74 6.50
N SER A 289 -6.75 21.75 7.14
CA SER A 289 -6.22 21.17 8.38
C SER A 289 -5.25 20.00 8.12
N VAL A 290 -5.22 19.49 6.89
CA VAL A 290 -4.35 18.35 6.55
C VAL A 290 -2.89 18.79 6.40
N VAL A 291 -2.04 18.38 7.34
CA VAL A 291 -0.60 18.65 7.23
C VAL A 291 0.24 17.38 6.99
N ARG A 292 -0.23 16.25 7.54
CA ARG A 292 0.55 15.01 7.66
C ARG A 292 1.60 15.10 8.75
N GLY A 293 2.03 13.94 9.24
CA GLY A 293 2.88 13.85 10.42
C GLY A 293 4.37 13.82 10.13
N LEU A 294 4.76 13.83 8.85
CA LEU A 294 6.16 13.67 8.49
C LEU A 294 6.88 14.99 8.25
N ALA A 295 8.18 14.98 8.52
CA ALA A 295 8.99 16.19 8.55
C ALA A 295 9.26 16.75 7.17
N TYR A 296 9.36 15.86 6.18
CA TYR A 296 9.98 16.23 4.91
C TYR A 296 9.04 16.81 3.84
N TYR A 297 7.73 16.80 4.08
CA TYR A 297 6.80 17.37 3.11
C TYR A 297 6.96 18.89 3.00
N THR A 298 7.04 19.38 1.76
CA THR A 298 7.31 20.78 1.47
C THR A 298 6.21 21.50 0.71
N GLY A 299 5.31 20.76 0.08
CA GLY A 299 4.27 21.36 -0.75
C GLY A 299 2.93 20.72 -0.50
N ILE A 300 2.32 20.20 -1.56
CA ILE A 300 1.03 19.52 -1.48
C ILE A 300 1.13 18.29 -0.58
N VAL A 301 0.11 18.11 0.25
CA VAL A 301 -0.02 16.93 1.09
C VAL A 301 -1.44 16.40 1.00
N PHE A 302 -1.62 15.09 1.19
CA PHE A 302 -2.92 14.49 1.02
C PHE A 302 -3.16 13.25 1.86
N GLU A 303 -4.45 12.94 2.03
CA GLU A 303 -4.89 11.96 2.99
C GLU A 303 -6.20 11.32 2.54
N GLY A 304 -6.22 9.99 2.45
CA GLY A 304 -7.42 9.26 2.10
C GLY A 304 -8.23 9.06 3.34
N PHE A 305 -9.55 9.03 3.20
CA PHE A 305 -10.43 8.91 4.37
C PHE A 305 -11.76 8.29 3.98
N ASP A 306 -12.43 7.66 4.95
CA ASP A 306 -13.76 7.16 4.72
C ASP A 306 -14.76 8.27 5.02
N ARG A 307 -15.75 8.40 4.16
CA ARG A 307 -16.73 9.49 4.27
C ARG A 307 -17.73 9.31 5.41
N GLU A 308 -17.64 8.21 6.16
CA GLU A 308 -18.48 7.99 7.34
C GLU A 308 -17.78 8.37 8.65
N GLY A 309 -16.51 8.78 8.57
CA GLY A 309 -15.78 9.22 9.75
C GLY A 309 -15.44 8.15 10.77
N LYS A 310 -15.43 6.89 10.35
CA LYS A 310 -15.22 5.77 11.26
C LYS A 310 -13.76 5.35 11.42
N PHE A 311 -12.96 5.59 10.39
CA PHE A 311 -11.62 4.97 10.32
C PHE A 311 -10.51 6.00 10.28
N ARG A 312 -9.31 5.58 10.68
CA ARG A 312 -8.12 6.41 10.51
C ARG A 312 -7.83 6.58 9.02
N ALA A 313 -6.76 7.28 8.70
CA ALA A 313 -6.40 7.56 7.31
C ALA A 313 -6.11 6.27 6.55
N LEU A 314 -6.56 6.22 5.29
CA LEU A 314 -6.40 5.02 4.46
C LEU A 314 -5.07 5.05 3.73
N CYS A 315 -4.64 6.26 3.39
CA CYS A 315 -3.33 6.48 2.81
C CYS A 315 -2.93 7.92 3.09
N GLY A 316 -1.67 8.23 2.81
CA GLY A 316 -1.12 9.55 3.11
C GLY A 316 0.14 9.82 2.31
N GLY A 317 0.35 11.08 1.94
CA GLY A 317 1.46 11.41 1.08
C GLY A 317 1.67 12.89 0.87
N GLY A 318 2.59 13.23 -0.03
CA GLY A 318 2.86 14.62 -0.32
C GLY A 318 4.14 14.82 -1.09
N ARG A 319 4.40 16.09 -1.43
CA ARG A 319 5.63 16.50 -2.08
C ARG A 319 6.70 16.65 -1.03
N TYR A 320 7.91 16.21 -1.37
CA TYR A 320 9.06 16.34 -0.50
C TYR A 320 10.32 16.67 -1.32
N ASP A 321 10.46 17.94 -1.68
CA ASP A 321 11.47 18.40 -2.63
C ASP A 321 12.88 18.60 -2.06
N ASN A 322 13.02 18.55 -0.73
CA ASN A 322 14.30 18.82 -0.09
C ASN A 322 14.97 17.62 0.57
N LEU A 323 14.28 16.48 0.66
CA LEU A 323 14.85 15.31 1.32
C LEU A 323 16.21 14.94 0.77
N LEU A 324 16.32 14.80 -0.55
CA LEU A 324 17.56 14.36 -1.18
CA LEU A 324 17.56 14.34 -1.17
C LEU A 324 18.68 15.38 -1.04
N THR A 325 18.29 16.66 -0.94
CA THR A 325 19.27 17.70 -0.64
C THR A 325 19.76 17.53 0.80
N THR A 326 18.84 17.17 1.69
CA THR A 326 19.15 16.84 3.08
C THR A 326 20.10 15.63 3.20
N TYR A 327 19.85 14.59 2.41
CA TYR A 327 20.69 13.38 2.34
C TYR A 327 22.05 13.64 1.68
N GLY A 328 22.22 14.80 1.07
CA GLY A 328 23.51 15.23 0.51
C GLY A 328 23.59 15.35 -1.01
N SER A 329 22.45 15.28 -1.72
CA SER A 329 22.47 15.43 -3.18
C SER A 329 23.05 16.78 -3.56
N PRO A 330 23.99 16.81 -4.53
CA PRO A 330 24.55 18.10 -4.96
C PRO A 330 23.57 18.97 -5.76
N THR A 331 22.47 18.37 -6.22
CA THR A 331 21.43 19.11 -6.92
C THR A 331 20.06 18.71 -6.34
N PRO A 332 19.19 19.70 -6.08
CA PRO A 332 17.87 19.36 -5.54
C PRO A 332 17.09 18.43 -6.47
N ILE A 333 16.42 17.45 -5.88
CA ILE A 333 15.64 16.50 -6.65
C ILE A 333 14.17 16.50 -6.18
N PRO A 334 13.25 17.01 -7.03
CA PRO A 334 11.83 17.02 -6.65
C PRO A 334 11.29 15.60 -6.57
N CYS A 335 10.50 15.34 -5.54
CA CYS A 335 9.93 14.03 -5.27
C CYS A 335 8.57 14.22 -4.66
N ALA A 336 7.67 13.28 -4.91
CA ALA A 336 6.40 13.22 -4.21
C ALA A 336 5.98 11.77 -4.15
N GLY A 337 5.14 11.43 -3.17
CA GLY A 337 4.68 10.05 -3.08
C GLY A 337 3.72 9.83 -1.95
N PHE A 338 3.33 8.58 -1.76
CA PHE A 338 2.40 8.23 -0.70
C PHE A 338 2.59 6.81 -0.22
N GLY A 339 1.95 6.54 0.90
CA GLY A 339 1.95 5.24 1.53
C GLY A 339 0.51 4.89 1.78
N PHE A 340 0.21 3.61 1.71
CA PHE A 340 -1.15 3.12 1.67
C PHE A 340 -1.11 1.77 2.35
N GLY A 341 -1.60 1.74 3.58
CA GLY A 341 -1.50 0.58 4.45
C GLY A 341 -2.44 -0.56 4.11
N ASP A 342 -2.25 -1.69 4.79
CA ASP A 342 -2.97 -2.92 4.47
C ASP A 342 -4.06 -3.24 5.49
N CYS A 343 -4.21 -2.41 6.51
CA CYS A 343 -5.11 -2.73 7.62
C CYS A 343 -6.40 -1.91 7.63
N VAL A 344 -6.27 -0.58 7.60
CA VAL A 344 -7.44 0.30 7.63
C VAL A 344 -8.33 0.00 6.42
N ILE A 345 -7.72 -0.04 5.24
CA ILE A 345 -8.43 -0.42 4.01
C ILE A 345 -9.21 -1.73 4.14
N VAL A 346 -8.65 -2.72 4.84
CA VAL A 346 -9.30 -4.01 4.99
C VAL A 346 -10.49 -3.92 5.92
N GLU A 347 -10.34 -3.22 7.04
CA GLU A 347 -11.48 -2.90 7.92
C GLU A 347 -12.60 -2.22 7.12
N LEU A 348 -12.25 -1.22 6.34
CA LEU A 348 -13.22 -0.52 5.52
C LEU A 348 -13.95 -1.47 4.58
N LEU A 349 -13.18 -2.24 3.83
CA LEU A 349 -13.76 -3.22 2.90
C LEU A 349 -14.64 -4.25 3.62
N GLN A 350 -14.26 -4.65 4.84
CA GLN A 350 -15.08 -5.57 5.65
C GLN A 350 -16.39 -4.92 6.08
N GLU A 351 -16.33 -3.63 6.42
CA GLU A 351 -17.52 -2.86 6.78
C GLU A 351 -18.49 -2.72 5.60
N LYS A 352 -17.95 -2.49 4.40
CA LYS A 352 -18.76 -2.34 3.18
C LYS A 352 -19.12 -3.68 2.50
N ARG A 353 -18.73 -4.80 3.13
CA ARG A 353 -19.01 -6.16 2.63
C ARG A 353 -18.36 -6.41 1.26
N LEU A 354 -17.17 -5.85 1.07
CA LEU A 354 -16.40 -5.99 -0.16
C LEU A 354 -15.21 -6.94 -0.01
N LEU A 355 -15.23 -7.79 1.01
CA LEU A 355 -14.20 -8.81 1.18
C LEU A 355 -14.84 -10.15 1.45
N PRO A 356 -15.57 -10.67 0.43
CA PRO A 356 -16.11 -12.00 0.60
C PRO A 356 -14.94 -12.96 0.66
N ASP A 357 -15.05 -13.98 1.50
CA ASP A 357 -14.04 -15.02 1.59
C ASP A 357 -13.86 -15.60 0.19
N ILE A 358 -12.60 -15.65 -0.24
CA ILE A 358 -12.23 -16.18 -1.53
C ILE A 358 -11.80 -17.62 -1.28
N PRO A 359 -12.58 -18.61 -1.77
CA PRO A 359 -12.18 -20.00 -1.53
C PRO A 359 -11.09 -20.39 -2.49
N HIS A 360 -10.24 -21.33 -2.09
CA HIS A 360 -9.22 -21.88 -2.97
C HIS A 360 -9.86 -22.56 -4.20
N VAL A 361 -9.20 -22.46 -5.35
CA VAL A 361 -9.62 -23.19 -6.55
C VAL A 361 -8.44 -23.87 -7.25
N VAL A 362 -8.78 -24.87 -8.04
CA VAL A 362 -7.84 -25.64 -8.82
C VAL A 362 -8.65 -26.30 -9.96
N ASP A 363 -8.08 -26.34 -11.16
CA ASP A 363 -8.88 -26.74 -12.33
C ASP A 363 -9.26 -28.21 -12.22
N ASP A 364 -8.25 -29.06 -12.10
CA ASP A 364 -8.45 -30.50 -12.10
C ASP A 364 -7.92 -31.19 -10.87
N VAL A 365 -8.66 -32.22 -10.42
CA VAL A 365 -8.13 -33.16 -9.44
C VAL A 365 -8.16 -34.55 -10.07
N VAL A 366 -6.97 -35.12 -10.23
CA VAL A 366 -6.81 -36.41 -10.88
C VAL A 366 -6.90 -37.48 -9.82
N ILE A 367 -7.75 -38.46 -10.07
CA ILE A 367 -8.04 -39.49 -9.11
C ILE A 367 -7.70 -40.84 -9.73
N PRO A 368 -6.66 -41.51 -9.23
CA PRO A 368 -6.43 -42.86 -9.68
C PRO A 368 -7.44 -43.80 -9.02
N PHE A 369 -8.00 -44.74 -9.79
CA PHE A 369 -8.96 -45.68 -9.26
C PHE A 369 -8.36 -46.47 -8.11
N ASP A 370 -7.08 -46.78 -8.20
CA ASP A 370 -6.33 -47.43 -7.12
C ASP A 370 -4.85 -47.28 -7.40
N GLU A 371 -4.01 -47.85 -6.55
CA GLU A 371 -2.57 -47.63 -6.65
C GLU A 371 -1.92 -48.16 -7.92
N SER A 372 -2.49 -49.20 -8.53
CA SER A 372 -1.98 -49.70 -9.81
C SER A 372 -2.16 -48.69 -10.95
N MET A 373 -3.13 -47.77 -10.80
CA MET A 373 -3.36 -46.70 -11.78
C MET A 373 -2.54 -45.44 -11.52
N ARG A 374 -1.79 -45.37 -10.43
CA ARG A 374 -1.01 -44.17 -10.12
C ARG A 374 -0.06 -43.74 -11.25
N PRO A 375 0.74 -44.68 -11.79
CA PRO A 375 1.61 -44.24 -12.89
C PRO A 375 0.83 -43.57 -14.02
N HIS A 376 -0.28 -44.17 -14.42
CA HIS A 376 -1.09 -43.62 -15.50
C HIS A 376 -1.68 -42.28 -15.07
N ALA A 377 -2.22 -42.23 -13.86
CA ALA A 377 -2.72 -40.97 -13.30
C ALA A 377 -1.71 -39.82 -13.34
N LEU A 378 -0.42 -40.16 -13.20
CA LEU A 378 0.64 -39.16 -13.24
C LEU A 378 0.89 -38.64 -14.64
N ALA A 379 0.84 -39.54 -15.61
CA ALA A 379 1.01 -39.14 -17.00
C ALA A 379 -0.12 -38.20 -17.43
N VAL A 380 -1.32 -38.46 -16.93
CA VAL A 380 -2.44 -37.56 -17.14
C VAL A 380 -2.20 -36.21 -16.45
N LEU A 381 -1.76 -36.26 -15.19
CA LEU A 381 -1.45 -35.04 -14.43
C LEU A 381 -0.45 -34.20 -15.19
N ARG A 382 0.59 -34.83 -15.72
CA ARG A 382 1.62 -34.15 -16.48
C ARG A 382 1.03 -33.38 -17.65
N ARG A 383 0.13 -34.02 -18.40
CA ARG A 383 -0.47 -33.37 -19.56
C ARG A 383 -1.40 -32.21 -19.21
N LEU A 384 -2.20 -32.37 -18.15
CA LEU A 384 -3.05 -31.26 -17.70
C LEU A 384 -2.20 -30.02 -17.35
N ARG A 385 -1.08 -30.24 -16.69
CA ARG A 385 -0.21 -29.15 -16.27
C ARG A 385 0.55 -28.58 -17.45
N ASP A 386 1.01 -29.46 -18.34
CA ASP A 386 1.68 -29.03 -19.58
C ASP A 386 0.83 -28.05 -20.38
N ALA A 387 -0.49 -28.20 -20.29
CA ALA A 387 -1.41 -27.34 -21.03
C ALA A 387 -1.81 -26.07 -20.29
N GLY A 388 -1.17 -25.81 -19.15
CA GLY A 388 -1.36 -24.55 -18.40
C GLY A 388 -2.46 -24.62 -17.34
N ARG A 389 -2.97 -25.82 -17.07
CA ARG A 389 -3.99 -25.97 -16.06
C ARG A 389 -3.40 -26.22 -14.67
N SER A 390 -4.17 -25.88 -13.63
CA SER A 390 -3.77 -26.17 -12.27
C SER A 390 -4.42 -27.49 -11.89
N ALA A 391 -3.61 -28.43 -11.44
CA ALA A 391 -4.09 -29.76 -11.19
C ALA A 391 -3.41 -30.40 -9.99
N ASP A 392 -4.22 -31.11 -9.23
CA ASP A 392 -3.76 -32.00 -8.19
C ASP A 392 -3.92 -33.43 -8.64
N ILE A 393 -3.18 -34.30 -7.97
CA ILE A 393 -3.42 -35.72 -8.02
C ILE A 393 -3.60 -36.17 -6.57
N ILE A 394 -4.52 -37.10 -6.34
CA ILE A 394 -4.71 -37.61 -4.99
C ILE A 394 -3.42 -38.33 -4.61
N LEU A 395 -2.78 -37.86 -3.53
CA LEU A 395 -1.44 -38.31 -3.18
C LEU A 395 -1.42 -39.52 -2.29
N ASP A 396 -2.33 -39.59 -1.32
CA ASP A 396 -2.46 -40.70 -0.38
CA ASP A 396 -2.35 -40.77 -0.44
C ASP A 396 -3.41 -41.77 -0.94
N LYS A 397 -3.46 -42.93 -0.32
CA LYS A 397 -4.35 -44.00 -0.78
C LYS A 397 -5.73 -43.78 -0.21
N LYS A 398 -6.74 -43.66 -1.08
CA LYS A 398 -8.14 -43.67 -0.61
C LYS A 398 -9.20 -43.98 -1.68
N LYS A 399 -10.38 -44.34 -1.19
CA LYS A 399 -11.49 -44.74 -2.06
C LYS A 399 -11.98 -43.54 -2.86
N VAL A 400 -12.57 -43.84 -4.01
CA VAL A 400 -12.94 -42.84 -5.03
C VAL A 400 -13.89 -41.76 -4.51
N VAL A 401 -14.93 -42.17 -3.77
CA VAL A 401 -15.88 -41.20 -3.23
C VAL A 401 -15.22 -40.19 -2.27
N GLN A 402 -14.26 -40.66 -1.47
CA GLN A 402 -13.48 -39.76 -0.61
C GLN A 402 -12.51 -38.88 -1.41
N ALA A 403 -12.00 -39.41 -2.51
CA ALA A 403 -11.22 -38.59 -3.42
C ALA A 403 -12.08 -37.47 -4.01
N PHE A 404 -13.34 -37.80 -4.33
CA PHE A 404 -14.29 -36.81 -4.86
C PHE A 404 -14.63 -35.72 -3.85
N ASN A 405 -14.84 -36.11 -2.60
CA ASN A 405 -15.13 -35.14 -1.54
C ASN A 405 -13.94 -34.20 -1.37
N TYR A 406 -12.75 -34.77 -1.35
CA TYR A 406 -11.52 -34.00 -1.31
C TYR A 406 -11.47 -32.99 -2.46
N ALA A 407 -11.75 -33.46 -3.67
CA ALA A 407 -11.80 -32.57 -4.85
C ALA A 407 -12.76 -31.41 -4.68
N ASP A 408 -13.92 -31.66 -4.07
CA ASP A 408 -14.88 -30.61 -3.80
C ASP A 408 -14.35 -29.64 -2.75
N ARG A 409 -13.73 -30.18 -1.71
CA ARG A 409 -13.18 -29.37 -0.62
C ARG A 409 -12.07 -28.42 -1.06
N VAL A 410 -11.20 -28.84 -1.98
CA VAL A 410 -10.15 -27.94 -2.50
C VAL A 410 -10.64 -27.01 -3.62
N GLY A 411 -11.92 -27.11 -3.98
CA GLY A 411 -12.51 -26.22 -4.97
C GLY A 411 -12.09 -26.57 -6.37
N ALA A 412 -11.96 -27.87 -6.66
CA ALA A 412 -11.68 -28.34 -8.01
C ALA A 412 -12.85 -28.06 -8.93
N VAL A 413 -12.55 -27.56 -10.12
CA VAL A 413 -13.57 -27.30 -11.14
C VAL A 413 -13.98 -28.61 -11.80
N ARG A 414 -13.09 -29.60 -11.78
CA ARG A 414 -13.29 -30.83 -12.53
C ARG A 414 -12.49 -31.99 -11.95
N ALA A 415 -13.14 -33.14 -11.78
CA ALA A 415 -12.47 -34.36 -11.31
C ALA A 415 -12.27 -35.35 -12.47
N VAL A 416 -11.04 -35.85 -12.59
CA VAL A 416 -10.63 -36.74 -13.66
C VAL A 416 -10.27 -38.10 -13.07
N LEU A 417 -11.19 -39.05 -13.15
CA LEU A 417 -10.95 -40.39 -12.63
C LEU A 417 -10.16 -41.22 -13.64
N VAL A 418 -9.06 -41.81 -13.19
CA VAL A 418 -8.22 -42.65 -14.04
C VAL A 418 -8.39 -44.12 -13.66
N ALA A 419 -9.27 -44.81 -14.39
CA ALA A 419 -9.65 -46.19 -14.08
C ALA A 419 -9.16 -47.16 -15.17
N PRO A 420 -8.97 -48.45 -14.81
CA PRO A 420 -8.37 -49.40 -15.75
C PRO A 420 -9.22 -49.65 -17.00
N GLU A 421 -10.55 -49.70 -16.83
CA GLU A 421 -11.45 -49.97 -17.95
C GLU A 421 -11.36 -48.89 -19.02
N GLU A 422 -11.34 -47.63 -18.58
CA GLU A 422 -11.30 -46.49 -19.51
C GLU A 422 -9.91 -46.28 -20.10
N TRP A 423 -8.88 -46.54 -19.29
CA TRP A 423 -7.49 -46.41 -19.76
C TRP A 423 -7.23 -47.32 -20.95
N GLU A 424 -7.78 -48.53 -20.93
CA GLU A 424 -7.69 -49.46 -22.07
C GLU A 424 -8.20 -48.84 -23.37
N ARG A 425 -9.25 -48.03 -23.26
CA ARG A 425 -9.82 -47.32 -24.40
C ARG A 425 -9.07 -46.01 -24.75
N GLY A 426 -7.94 -45.76 -24.09
CA GLY A 426 -7.27 -44.46 -24.17
C GLY A 426 -8.10 -43.33 -23.58
N GLU A 427 -8.89 -43.64 -22.55
CA GLU A 427 -9.81 -42.67 -21.95
C GLU A 427 -9.64 -42.52 -20.44
N VAL A 428 -10.31 -41.50 -19.91
CA VAL A 428 -10.50 -41.30 -18.47
C VAL A 428 -11.94 -40.85 -18.23
N GLN A 429 -12.39 -40.89 -16.98
CA GLN A 429 -13.72 -40.38 -16.62
C GLN A 429 -13.66 -38.97 -16.05
N VAL A 430 -14.22 -38.02 -16.77
CA VAL A 430 -14.29 -36.62 -16.32
C VAL A 430 -15.66 -36.32 -15.71
N LYS A 431 -15.67 -35.41 -14.74
CA LYS A 431 -16.89 -35.00 -14.06
C LYS A 431 -16.73 -33.55 -13.58
N MET A 432 -17.69 -32.70 -13.95
CA MET A 432 -17.65 -31.28 -13.60
C MET A 432 -18.33 -31.08 -12.26
N LEU A 433 -17.66 -30.36 -11.36
CA LEU A 433 -18.16 -30.17 -9.99
C LEU A 433 -18.85 -28.81 -9.80
N ARG A 434 -18.76 -27.93 -10.81
CA ARG A 434 -19.37 -26.60 -10.77
C ARG A 434 -20.21 -26.35 -12.02
N GLY A 447 -20.49 -38.85 -15.38
CA GLY A 447 -19.08 -39.16 -15.49
C GLY A 447 -18.65 -39.49 -16.91
N PHE A 448 -18.87 -38.55 -17.83
CA PHE A 448 -18.58 -38.74 -19.26
C PHE A 448 -17.12 -39.10 -19.50
N ALA A 449 -16.89 -40.21 -20.19
CA ALA A 449 -15.54 -40.64 -20.53
C ALA A 449 -14.96 -39.77 -21.65
N VAL A 450 -13.66 -39.50 -21.59
CA VAL A 450 -13.00 -38.58 -22.52
C VAL A 450 -11.65 -39.11 -22.96
N PRO A 451 -11.33 -39.01 -24.27
CA PRO A 451 -10.00 -39.45 -24.71
C PRO A 451 -8.92 -38.47 -24.28
N LEU A 452 -7.77 -38.99 -23.85
CA LEU A 452 -6.71 -38.19 -23.26
C LEU A 452 -6.41 -36.88 -24.00
N ASP A 453 -6.37 -36.93 -25.33
CA ASP A 453 -6.04 -35.74 -26.12
C ASP A 453 -7.08 -34.60 -25.96
N ARG A 454 -8.32 -34.98 -25.66
CA ARG A 454 -9.43 -34.01 -25.55
C ARG A 454 -9.57 -33.33 -24.19
N LEU A 455 -8.90 -33.86 -23.17
CA LEU A 455 -8.94 -33.30 -21.81
C LEU A 455 -8.56 -31.83 -21.80
N VAL A 456 -7.55 -31.49 -22.59
CA VAL A 456 -6.99 -30.16 -22.63
C VAL A 456 -7.41 -29.44 -23.92
#